data_1B36
#
_entry.id   1B36
#
_cell.length_a   1.000
_cell.length_b   1.000
_cell.length_c   1.000
_cell.angle_alpha   90.00
_cell.angle_beta   90.00
_cell.angle_gamma   90.00
#
_symmetry.space_group_name_H-M   'P 1'
#
_entity_poly.entity_id   1
_entity_poly.type   'polyribonucleotide'
_entity_poly.pdbx_seq_one_letter_code
;GGUGCAGAAACAGCGCUUCGGCGCGUAUAUUACGCACC
;
_entity_poly.pdbx_strand_id   A
#
loop_
_chem_comp.id
_chem_comp.type
_chem_comp.name
_chem_comp.formula
A RNA linking ADENOSINE-5'-MONOPHOSPHATE 'C10 H14 N5 O7 P'
C RNA linking CYTIDINE-5'-MONOPHOSPHATE 'C9 H14 N3 O8 P'
G RNA linking GUANOSINE-5'-MONOPHOSPHATE 'C10 H14 N5 O8 P'
U RNA linking URIDINE-5'-MONOPHOSPHATE 'C9 H13 N2 O9 P'
#